data_5FC2
#
_entry.id   5FC2
#
_cell.length_a   56.354
_cell.length_b   85.013
_cell.length_c   119.268
_cell.angle_alpha   90.00
_cell.angle_beta   90.00
_cell.angle_gamma   90.00
#
_symmetry.space_group_name_H-M   'P 21 21 21'
#
loop_
_entity.id
_entity.type
_entity.pdbx_description
1 polymer 'pAMK, peptide containing a phospho-serine'
2 polymer separase
3 water water
#
loop_
_entity_poly.entity_id
_entity_poly.type
_entity_poly.pdbx_seq_one_letter_code
_entity_poly.pdbx_strand_id
1 'polypeptide(L)' DK(SEP)IEVGR(6L3) A
2 'polypeptide(L)'
;GPLGSGRPSLGFTLDLHRIQRDYIDLVPKHWHVISLSLSDGGHDLCITRLQAGQAPFVLRLPLERASSRDSSVDETDVFD
FHTGRAELLEIIKEINRTCHDSRDMAAKGEREKWWAEREALDQRLKELLMNIEHVWLGGFRGVFSQHGRRPELLEKFRAM
FEGVLDKHLPSRRQVGRGKKGKGVAGQTKVVLDGNVLELFIGLGDATKSGADFDEELTDLLYFVVDILQFHGERNAYDEI
DFDSMVVETMDALMAYHAEANAAPESDSHAHTILVLDKQLHVFPWESLPCLQGLAVSRIPSLACLRKLLLDRRRSSSQIQ
GEDSEEEDPRSAGHHAPLSGGTYILNPSSDLLSTQKTFESLFSTHLHSPNSWTRIISRPPTEPEFLSALTHSPILLYFGH
GSGAQYIRSRNIRHLDHCRATVLLMGCSSAALTAKGEFEPSGPVWNYMLAGAPAVVGTLWDVTDRDIDRFAGGVLEGWGV
LPEGCMGEKNGKKKAGRNGLSLVQAVAKARDRCRFRYVTAAAAVVYGIPVYVDVDGKSKD
;
B
#
loop_
_chem_comp.id
_chem_comp.type
_chem_comp.name
_chem_comp.formula
6L3 non-polymer 'methyl 2,4,6-trimethylbenzoate' 'C11 H14 O2'
#
# COMPACT_ATOMS: atom_id res chain seq x y z
N ASP A 1 23.72 10.93 -18.33
CA ASP A 1 23.66 12.07 -19.28
C ASP A 1 22.22 12.45 -19.61
N LYS A 2 21.26 11.69 -19.10
CA LYS A 2 19.88 12.13 -19.15
C LYS A 2 19.79 13.46 -18.41
N SEP A 3 18.97 14.36 -18.92
CA SEP A 3 18.83 15.67 -18.28
CB SEP A 3 17.82 16.52 -19.05
OG SEP A 3 18.22 16.70 -20.40
C SEP A 3 18.35 15.49 -16.85
O SEP A 3 17.52 14.63 -16.57
P SEP A 3 17.01 17.28 -21.28
O1P SEP A 3 16.59 18.74 -20.74
O2P SEP A 3 17.48 17.39 -22.82
O3P SEP A 3 15.75 16.30 -21.19
N ILE A 4 18.91 16.30 -15.95
CA ILE A 4 18.46 16.31 -14.57
C ILE A 4 16.96 16.62 -14.56
N GLU A 5 16.22 15.87 -13.75
CA GLU A 5 14.78 16.05 -13.69
C GLU A 5 14.44 17.24 -12.79
N VAL A 6 13.25 17.79 -13.02
CA VAL A 6 12.82 19.01 -12.35
C VAL A 6 11.92 18.66 -11.16
N GLY A 7 12.11 19.32 -10.11
CA GLY A 7 11.42 19.04 -8.86
C GLY A 7 10.01 19.33 -8.89
N ARG A 8 9.29 18.46 -8.25
CA ARG A 8 7.80 18.41 -7.98
C ARG A 8 7.21 19.54 -7.18
C 6L3 A 9 8.09 19.70 -6.18
N LEU B 14 -14.23 -6.61 24.07
CA LEU B 14 -15.49 -5.87 24.12
C LEU B 14 -15.47 -4.71 23.13
N ASP B 15 -14.40 -3.90 23.19
CA ASP B 15 -14.23 -2.82 22.23
C ASP B 15 -13.78 -3.37 20.89
N LEU B 16 -12.96 -4.43 20.93
CA LEU B 16 -12.58 -5.11 19.70
C LEU B 16 -13.82 -5.85 19.16
N HIS B 17 -14.69 -6.28 20.08
CA HIS B 17 -15.95 -6.89 19.68
C HIS B 17 -16.87 -5.87 19.02
N ARG B 18 -16.92 -4.66 19.58
CA ARG B 18 -17.76 -3.61 19.04
C ARG B 18 -17.21 -3.08 17.72
N ILE B 19 -15.88 -2.99 17.63
CA ILE B 19 -15.22 -2.58 16.40
C ILE B 19 -15.51 -3.58 15.28
N GLN B 20 -15.47 -4.87 15.62
CA GLN B 20 -15.72 -5.93 14.65
C GLN B 20 -17.15 -5.85 14.14
N ARG B 21 -18.09 -5.71 15.06
CA ARG B 21 -19.51 -5.74 14.73
C ARG B 21 -19.96 -4.50 13.96
N ASP B 22 -19.56 -3.33 14.44
CA ASP B 22 -20.11 -2.07 13.93
C ASP B 22 -19.35 -1.50 12.73
N TYR B 23 -18.12 -1.97 12.50
CA TYR B 23 -17.30 -1.46 11.41
C TYR B 23 -16.82 -2.55 10.45
N ILE B 24 -16.07 -3.50 10.99
CA ILE B 24 -15.37 -4.48 10.16
C ILE B 24 -16.32 -5.41 9.41
N ASP B 25 -17.40 -5.83 10.08
CA ASP B 25 -18.32 -6.76 9.45
C ASP B 25 -19.16 -6.09 8.35
N LEU B 26 -18.96 -4.79 8.12
CA LEU B 26 -19.57 -4.10 6.99
C LEU B 26 -18.57 -3.93 5.83
N VAL B 27 -17.32 -4.32 6.07
CA VAL B 27 -16.28 -4.23 5.05
C VAL B 27 -16.33 -5.44 4.12
N PRO B 28 -16.19 -5.24 2.80
CA PRO B 28 -16.16 -6.38 1.86
C PRO B 28 -15.26 -7.52 2.34
N LYS B 29 -15.76 -8.75 2.29
CA LYS B 29 -15.11 -9.87 2.97
C LYS B 29 -13.76 -10.27 2.38
N HIS B 30 -13.47 -9.87 1.15
CA HIS B 30 -12.19 -10.18 0.54
C HIS B 30 -11.17 -9.05 0.72
N TRP B 31 -11.55 -8.05 1.51
CA TRP B 31 -10.59 -7.04 1.96
C TRP B 31 -10.22 -7.36 3.40
N HIS B 32 -9.08 -6.85 3.86
CA HIS B 32 -8.85 -6.84 5.29
C HIS B 32 -8.20 -5.52 5.69
N VAL B 33 -8.39 -5.20 6.97
CA VAL B 33 -7.91 -3.97 7.54
C VAL B 33 -6.78 -4.29 8.49
N ILE B 34 -5.66 -3.58 8.36
CA ILE B 34 -4.52 -3.80 9.23
C ILE B 34 -4.18 -2.52 9.97
N SER B 35 -4.24 -2.59 11.29
CA SER B 35 -3.89 -1.48 12.15
C SER B 35 -2.46 -1.65 12.65
N LEU B 36 -1.64 -0.63 12.41
CA LEU B 36 -0.26 -0.60 12.88
C LEU B 36 -0.08 0.51 13.90
N SER B 37 0.43 0.15 15.08
CA SER B 37 0.74 1.14 16.11
C SER B 37 1.94 0.69 16.93
N LEU B 38 2.41 1.57 17.80
CA LEU B 38 3.52 1.28 18.69
C LEU B 38 3.09 1.17 20.14
N SER B 39 3.76 0.30 20.88
CA SER B 39 3.59 0.23 22.32
C SER B 39 4.21 1.48 22.96
N ASP B 40 3.90 1.72 24.23
CA ASP B 40 4.26 2.96 24.93
C ASP B 40 5.70 3.43 24.69
N GLY B 41 6.67 2.54 24.88
CA GLY B 41 8.07 2.92 24.75
C GLY B 41 8.58 2.86 23.32
N GLY B 42 7.71 2.48 22.40
CA GLY B 42 8.11 2.26 21.02
C GLY B 42 8.87 0.95 20.88
N HIS B 43 8.74 0.10 21.89
CA HIS B 43 9.50 -1.16 21.93
C HIS B 43 8.87 -2.25 21.06
N ASP B 44 7.56 -2.14 20.84
CA ASP B 44 6.84 -3.17 20.11
C ASP B 44 6.00 -2.61 18.97
N LEU B 45 5.97 -3.35 17.86
CA LEU B 45 5.05 -3.07 16.78
C LEU B 45 3.77 -3.86 17.01
N CYS B 46 2.68 -3.14 17.23
CA CYS B 46 1.38 -3.78 17.42
C CYS B 46 0.65 -3.86 16.08
N ILE B 47 0.36 -5.08 15.67
CA ILE B 47 -0.36 -5.33 14.42
C ILE B 47 -1.68 -6.02 14.72
N THR B 48 -2.77 -5.40 14.27
CA THR B 48 -4.09 -6.02 14.38
C THR B 48 -4.68 -6.13 12.98
N ARG B 49 -4.96 -7.37 12.57
CA ARG B 49 -5.61 -7.63 11.29
C ARG B 49 -7.08 -7.95 11.52
N LEU B 50 -7.94 -7.18 10.84
CA LEU B 50 -9.38 -7.31 10.98
C LEU B 50 -9.98 -7.65 9.62
N GLN B 51 -10.98 -8.52 9.62
CA GLN B 51 -11.63 -8.94 8.40
C GLN B 51 -13.05 -9.41 8.71
N ALA B 52 -14.00 -9.02 7.86
CA ALA B 52 -15.40 -9.39 8.08
C ALA B 52 -15.54 -10.91 8.23
N GLY B 53 -16.26 -11.31 9.26
CA GLY B 53 -16.54 -12.72 9.50
C GLY B 53 -15.35 -13.54 9.99
N GLN B 54 -14.27 -12.85 10.34
CA GLN B 54 -13.05 -13.52 10.81
C GLN B 54 -12.67 -13.05 12.19
N ALA B 55 -12.06 -13.94 12.97
CA ALA B 55 -11.48 -13.55 14.24
C ALA B 55 -10.28 -12.65 13.97
N PRO B 56 -10.12 -11.58 14.76
CA PRO B 56 -8.93 -10.71 14.65
C PRO B 56 -7.58 -11.40 14.92
N PHE B 57 -6.58 -11.14 14.07
CA PHE B 57 -5.18 -11.37 14.42
C PHE B 57 -4.73 -10.23 15.34
N VAL B 58 -4.23 -10.55 16.53
CA VAL B 58 -3.64 -9.53 17.39
C VAL B 58 -2.19 -9.90 17.69
N LEU B 59 -1.27 -9.05 17.23
CA LEU B 59 0.16 -9.29 17.41
C LEU B 59 0.84 -8.11 18.11
N ARG B 60 1.80 -8.42 18.97
CA ARG B 60 2.67 -7.41 19.56
C ARG B 60 4.11 -7.89 19.41
N LEU B 61 4.83 -7.25 18.49
CA LEU B 61 6.15 -7.74 18.08
C LEU B 61 7.28 -6.89 18.66
N PRO B 62 8.02 -7.44 19.64
CA PRO B 62 9.18 -6.70 20.14
C PRO B 62 10.21 -6.53 19.03
N LEU B 63 10.54 -5.29 18.70
CA LEU B 63 11.41 -5.01 17.56
C LEU B 63 12.80 -5.62 17.72
N GLU B 64 13.25 -5.77 18.96
CA GLU B 64 14.61 -6.25 19.23
C GLU B 64 14.65 -7.69 19.72
N ARG B 65 13.60 -8.45 19.44
CA ARG B 65 13.48 -9.80 19.96
C ARG B 65 14.63 -10.72 19.52
N ALA B 66 15.25 -10.40 18.39
CA ALA B 66 16.34 -11.22 17.86
C ALA B 66 17.58 -11.16 18.73
N SER B 67 17.79 -10.02 19.39
CA SER B 67 18.98 -9.80 20.22
C SER B 67 19.15 -10.86 21.29
N SER B 68 18.07 -11.11 22.04
CA SER B 68 18.13 -12.08 23.14
C SER B 68 18.03 -13.52 22.65
N ARG B 69 17.96 -13.71 21.33
CA ARG B 69 17.97 -15.04 20.71
C ARG B 69 19.33 -15.38 20.11
N VAL B 78 20.17 -5.77 14.56
CA VAL B 78 19.00 -5.32 15.30
C VAL B 78 19.08 -3.82 15.56
N PHE B 79 17.96 -3.14 15.31
CA PHE B 79 17.87 -1.70 15.48
C PHE B 79 16.46 -1.36 15.97
N ASP B 80 16.37 -0.37 16.86
CA ASP B 80 15.10 -0.03 17.49
C ASP B 80 14.32 0.97 16.64
N PHE B 81 13.11 1.30 17.09
CA PHE B 81 12.23 2.17 16.32
C PHE B 81 12.85 3.54 16.09
N HIS B 82 13.42 4.12 17.14
CA HIS B 82 14.03 5.45 17.06
C HIS B 82 15.13 5.48 16.01
N THR B 83 15.93 4.42 15.97
CA THR B 83 17.02 4.31 15.02
C THR B 83 16.46 4.22 13.59
N GLY B 84 15.45 3.38 13.42
CA GLY B 84 14.81 3.20 12.12
C GLY B 84 14.17 4.47 11.59
N ARG B 85 13.41 5.15 12.44
CA ARG B 85 12.72 6.37 12.02
C ARG B 85 13.72 7.48 11.71
N ALA B 86 14.79 7.58 12.50
CA ALA B 86 15.80 8.60 12.28
C ALA B 86 16.49 8.38 10.93
N GLU B 87 16.77 7.12 10.61
CA GLU B 87 17.39 6.77 9.34
C GLU B 87 16.47 7.16 8.19
N LEU B 88 15.19 6.82 8.32
CA LEU B 88 14.19 7.14 7.31
C LEU B 88 14.14 8.64 7.06
N LEU B 89 14.06 9.43 8.13
CA LEU B 89 13.88 10.87 8.00
C LEU B 89 15.12 11.53 7.42
N GLU B 90 16.30 10.96 7.70
CA GLU B 90 17.54 11.46 7.11
C GLU B 90 17.57 11.21 5.60
N ILE B 91 17.16 10.01 5.21
CA ILE B 91 17.08 9.66 3.79
C ILE B 91 16.09 10.59 3.08
N ILE B 92 14.92 10.77 3.66
CA ILE B 92 13.90 11.62 3.05
C ILE B 92 14.42 13.06 2.89
N LYS B 93 15.11 13.56 3.90
CA LYS B 93 15.67 14.91 3.84
C LYS B 93 16.61 15.06 2.64
N GLU B 94 17.46 14.06 2.44
CA GLU B 94 18.41 14.08 1.33
C GLU B 94 17.71 13.89 -0.01
N ILE B 95 16.69 13.04 -0.05
CA ILE B 95 15.91 12.87 -1.26
C ILE B 95 15.30 14.22 -1.65
N ASN B 96 14.67 14.89 -0.70
CA ASN B 96 14.04 16.19 -0.94
C ASN B 96 15.06 17.19 -1.48
N ARG B 97 16.26 17.18 -0.90
CA ARG B 97 17.31 18.08 -1.35
C ARG B 97 17.66 17.86 -2.83
N THR B 98 17.69 16.61 -3.28
CA THR B 98 18.01 16.31 -4.68
C THR B 98 16.94 16.78 -5.64
N CYS B 99 15.70 16.90 -5.15
CA CYS B 99 14.60 17.30 -6.02
C CYS B 99 14.66 18.78 -6.40
N HIS B 100 15.29 19.60 -5.55
CA HIS B 100 15.27 21.05 -5.75
C HIS B 100 16.65 21.62 -6.09
N ASP B 101 17.71 20.91 -5.73
CA ASP B 101 19.06 21.29 -6.15
C ASP B 101 19.24 21.00 -7.64
N SER B 102 18.25 20.30 -8.20
CA SER B 102 18.23 19.94 -9.61
C SER B 102 18.52 21.12 -10.54
N ARG B 103 17.70 22.17 -10.41
CA ARG B 103 17.77 23.34 -11.28
C ARG B 103 19.18 23.92 -11.30
N ASP B 104 19.75 24.09 -10.12
CA ASP B 104 21.09 24.66 -10.01
C ASP B 104 22.11 23.73 -10.66
N MET B 105 21.98 22.44 -10.39
CA MET B 105 22.96 21.45 -10.84
C MET B 105 22.92 21.18 -12.34
N ALA B 106 21.76 21.43 -12.96
CA ALA B 106 21.55 21.12 -14.38
C ALA B 106 22.70 21.61 -15.27
N ALA B 107 23.46 20.65 -15.79
CA ALA B 107 24.63 20.94 -16.62
C ALA B 107 24.85 19.79 -17.61
N LYS B 108 26.02 19.15 -17.58
CA LYS B 108 26.31 18.04 -18.49
C LYS B 108 27.15 16.93 -17.85
N GLY B 109 27.88 17.25 -16.80
CA GLY B 109 28.59 16.26 -15.99
C GLY B 109 28.09 16.30 -14.56
N GLU B 110 27.40 17.37 -14.21
CA GLU B 110 26.68 17.44 -12.96
C GLU B 110 25.48 16.50 -13.03
N ARG B 111 25.06 16.20 -14.25
CA ARG B 111 24.03 15.19 -14.46
C ARG B 111 24.46 13.87 -13.83
N GLU B 112 25.70 13.48 -14.09
CA GLU B 112 26.22 12.20 -13.62
C GLU B 112 26.21 12.12 -12.10
N LYS B 113 26.65 13.20 -11.47
CA LYS B 113 26.66 13.27 -10.00
C LYS B 113 25.25 13.27 -9.43
N TRP B 114 24.34 13.99 -10.09
CA TRP B 114 22.94 14.03 -9.64
C TRP B 114 22.32 12.64 -9.68
N TRP B 115 22.47 11.94 -10.81
CA TRP B 115 21.93 10.60 -10.94
C TRP B 115 22.59 9.63 -9.96
N ALA B 116 23.89 9.80 -9.75
CA ALA B 116 24.62 8.95 -8.81
C ALA B 116 24.10 9.14 -7.39
N GLU B 117 23.89 10.39 -6.99
CA GLU B 117 23.37 10.69 -5.66
C GLU B 117 22.00 10.07 -5.44
N ARG B 118 21.15 10.11 -6.46
CA ARG B 118 19.79 9.59 -6.30
C ARG B 118 19.80 8.06 -6.33
N GLU B 119 20.70 7.48 -7.11
CA GLU B 119 20.87 6.02 -7.12
C GLU B 119 21.32 5.54 -5.74
N ALA B 120 22.22 6.29 -5.12
CA ALA B 120 22.73 5.92 -3.79
C ALA B 120 21.64 6.01 -2.74
N LEU B 121 20.78 7.02 -2.85
CA LEU B 121 19.67 7.17 -1.92
C LEU B 121 18.64 6.08 -2.13
N ASP B 122 18.42 5.70 -3.39
CA ASP B 122 17.50 4.61 -3.72
C ASP B 122 17.95 3.32 -3.04
N GLN B 123 19.25 3.06 -3.09
CA GLN B 123 19.82 1.87 -2.46
C GLN B 123 19.73 1.93 -0.94
N ARG B 124 19.96 3.12 -0.38
CA ARG B 124 19.86 3.31 1.08
C ARG B 124 18.44 3.05 1.59
N LEU B 125 17.45 3.60 0.90
CA LEU B 125 16.06 3.43 1.33
C LEU B 125 15.66 1.97 1.15
N LYS B 126 16.06 1.40 0.02
CA LYS B 126 15.84 -0.01 -0.22
C LYS B 126 16.35 -0.85 0.96
N GLU B 127 17.59 -0.61 1.37
CA GLU B 127 18.18 -1.39 2.45
C GLU B 127 17.46 -1.16 3.78
N LEU B 128 17.02 0.06 4.04
CA LEU B 128 16.26 0.33 5.25
C LEU B 128 14.97 -0.49 5.28
N LEU B 129 14.22 -0.47 4.19
CA LEU B 129 12.98 -1.22 4.11
C LEU B 129 13.23 -2.72 4.20
N MET B 130 14.32 -3.17 3.62
CA MET B 130 14.72 -4.57 3.73
C MET B 130 14.98 -4.93 5.19
N ASN B 131 15.65 -4.05 5.91
CA ASN B 131 15.99 -4.30 7.30
C ASN B 131 14.75 -4.26 8.21
N ILE B 132 13.84 -3.35 7.93
CA ILE B 132 12.56 -3.30 8.63
C ILE B 132 11.82 -4.63 8.44
N GLU B 133 11.73 -5.09 7.20
CA GLU B 133 11.03 -6.33 6.92
C GLU B 133 11.73 -7.51 7.60
N HIS B 134 13.06 -7.52 7.56
CA HIS B 134 13.81 -8.65 8.09
C HIS B 134 13.77 -8.69 9.62
N VAL B 135 14.01 -7.54 10.24
CA VAL B 135 14.20 -7.49 11.69
C VAL B 135 12.89 -7.24 12.44
N TRP B 136 12.13 -6.23 12.02
CA TRP B 136 10.93 -5.85 12.75
C TRP B 136 9.80 -6.84 12.48
N LEU B 137 9.51 -7.08 11.21
CA LEU B 137 8.43 -8.00 10.84
C LEU B 137 8.84 -9.46 10.99
N GLY B 138 10.03 -9.80 10.51
CA GLY B 138 10.52 -11.17 10.55
C GLY B 138 9.53 -12.18 9.99
N GLY B 139 9.28 -13.25 10.76
CA GLY B 139 8.41 -14.31 10.31
C GLY B 139 6.93 -13.98 10.36
N PHE B 140 6.59 -12.77 10.80
CA PHE B 140 5.19 -12.36 10.89
C PHE B 140 4.70 -11.62 9.66
N ARG B 141 5.54 -11.53 8.63
CA ARG B 141 5.18 -10.82 7.42
C ARG B 141 3.96 -11.45 6.75
N GLY B 142 3.71 -12.72 7.06
CA GLY B 142 2.56 -13.43 6.54
C GLY B 142 1.23 -12.88 7.01
N VAL B 143 1.25 -12.03 8.05
CA VAL B 143 0.03 -11.38 8.49
C VAL B 143 -0.54 -10.48 7.38
N PHE B 144 0.34 -10.05 6.47
CA PHE B 144 -0.10 -9.18 5.37
C PHE B 144 -0.59 -9.94 4.15
N SER B 145 -0.44 -11.27 4.17
CA SER B 145 -0.82 -12.10 3.02
C SER B 145 -2.29 -11.94 2.66
N GLN B 146 -2.57 -11.85 1.36
CA GLN B 146 -3.93 -11.74 0.85
C GLN B 146 -4.43 -13.07 0.32
N HIS B 147 -3.74 -14.16 0.64
CA HIS B 147 -4.12 -15.47 0.11
C HIS B 147 -5.51 -15.87 0.59
N GLY B 148 -6.25 -16.55 -0.28
CA GLY B 148 -7.58 -17.00 0.04
C GLY B 148 -7.54 -18.19 0.99
N ARG B 149 -8.48 -18.24 1.91
CA ARG B 149 -8.52 -19.34 2.88
C ARG B 149 -8.94 -20.64 2.20
N ARG B 150 -8.19 -21.70 2.50
CA ARG B 150 -8.49 -23.05 2.03
C ARG B 150 -8.67 -23.94 3.26
N PRO B 151 -9.90 -23.97 3.81
CA PRO B 151 -10.18 -24.64 5.09
C PRO B 151 -9.69 -26.09 5.16
N GLU B 152 -9.95 -26.88 4.13
CA GLU B 152 -9.58 -28.30 4.14
C GLU B 152 -8.07 -28.49 4.13
N LEU B 153 -7.36 -27.68 3.35
CA LEU B 153 -5.91 -27.76 3.32
C LEU B 153 -5.28 -27.28 4.63
N LEU B 154 -5.88 -26.27 5.25
CA LEU B 154 -5.35 -25.77 6.51
C LEU B 154 -5.41 -26.84 7.59
N GLU B 155 -6.47 -27.65 7.59
CA GLU B 155 -6.61 -28.67 8.62
C GLU B 155 -5.65 -29.83 8.35
N LYS B 156 -5.31 -30.05 7.09
CA LYS B 156 -4.25 -30.99 6.74
C LYS B 156 -2.92 -30.48 7.30
N PHE B 157 -2.67 -29.20 7.13
CA PHE B 157 -1.46 -28.58 7.67
C PHE B 157 -1.47 -28.64 9.19
N ARG B 158 -2.63 -28.39 9.80
CA ARG B 158 -2.77 -28.48 11.24
C ARG B 158 -2.31 -29.83 11.77
N ALA B 159 -2.76 -30.90 11.11
CA ALA B 159 -2.41 -32.25 11.54
C ALA B 159 -0.90 -32.49 11.47
N MET B 160 -0.30 -32.08 10.36
CA MET B 160 1.14 -32.23 10.18
C MET B 160 1.92 -31.39 11.19
N PHE B 161 1.49 -30.15 11.38
CA PHE B 161 2.19 -29.25 12.29
C PHE B 161 2.08 -29.72 13.74
N GLU B 162 0.89 -30.18 14.12
CA GLU B 162 0.70 -30.75 15.45
C GLU B 162 1.60 -31.97 15.64
N GLY B 163 1.85 -32.68 14.55
CA GLY B 163 2.78 -33.79 14.57
C GLY B 163 4.20 -33.34 14.87
N VAL B 164 4.58 -32.19 14.32
CA VAL B 164 5.89 -31.61 14.56
C VAL B 164 6.03 -31.26 16.04
N LEU B 165 5.02 -30.60 16.59
CA LEU B 165 5.02 -30.23 18.01
C LEU B 165 5.06 -31.46 18.90
N ASP B 166 4.29 -32.49 18.55
CA ASP B 166 4.24 -33.72 19.34
C ASP B 166 5.60 -34.39 19.37
N LYS B 167 6.34 -34.32 18.26
CA LYS B 167 7.63 -34.99 18.15
C LYS B 167 8.75 -34.26 18.89
N HIS B 168 8.66 -32.93 19.00
CA HIS B 168 9.81 -32.11 19.39
C HIS B 168 9.69 -31.35 20.72
N LEU B 169 8.46 -31.07 21.18
CA LEU B 169 8.30 -30.32 22.43
C LEU B 169 8.44 -31.24 23.65
N PRO B 170 9.30 -30.85 24.61
CA PRO B 170 9.41 -31.63 25.85
C PRO B 170 8.07 -31.78 26.58
N SER B 171 7.22 -30.77 26.47
CA SER B 171 5.93 -30.78 27.16
C SER B 171 5.02 -31.90 26.67
N ARG B 172 5.35 -32.48 25.51
CA ARG B 172 4.53 -33.52 24.90
C ARG B 172 5.23 -34.87 24.82
N ARG B 173 6.32 -35.02 25.57
CA ARG B 173 7.03 -36.29 25.66
C ARG B 173 6.30 -37.27 26.56
N THR B 188 -2.12 -30.82 29.66
CA THR B 188 -2.98 -30.90 28.48
C THR B 188 -2.39 -30.13 27.31
N LYS B 189 -2.75 -30.53 26.10
CA LYS B 189 -2.26 -29.87 24.89
C LYS B 189 -3.07 -28.62 24.56
N VAL B 190 -2.38 -27.51 24.34
CA VAL B 190 -3.03 -26.31 23.82
C VAL B 190 -3.31 -26.49 22.34
N VAL B 191 -4.53 -26.11 21.91
CA VAL B 191 -4.91 -26.15 20.51
C VAL B 191 -4.79 -24.76 19.88
N LEU B 192 -4.01 -24.65 18.80
CA LEU B 192 -3.73 -23.36 18.19
C LEU B 192 -4.89 -22.85 17.35
N ASP B 193 -5.13 -21.54 17.41
CA ASP B 193 -6.12 -20.89 16.56
C ASP B 193 -5.71 -21.00 15.09
N GLY B 194 -6.71 -21.05 14.21
CA GLY B 194 -6.47 -21.15 12.79
C GLY B 194 -5.64 -20.00 12.26
N ASN B 195 -5.83 -18.82 12.83
CA ASN B 195 -5.11 -17.63 12.37
C ASN B 195 -3.61 -17.73 12.61
N VAL B 196 -3.21 -18.44 13.67
CA VAL B 196 -1.79 -18.66 13.91
C VAL B 196 -1.20 -19.52 12.80
N LEU B 197 -1.94 -20.55 12.39
CA LEU B 197 -1.48 -21.42 11.33
C LEU B 197 -1.43 -20.66 10.00
N GLU B 198 -2.36 -19.73 9.80
CA GLU B 198 -2.41 -18.96 8.56
C GLU B 198 -1.16 -18.08 8.38
N LEU B 199 -0.50 -17.73 9.49
CA LEU B 199 0.76 -17.00 9.41
C LEU B 199 1.83 -17.82 8.69
N PHE B 200 1.82 -19.13 8.90
CA PHE B 200 2.76 -20.02 8.24
C PHE B 200 2.43 -20.07 6.75
N ILE B 201 1.16 -20.25 6.43
CA ILE B 201 0.69 -20.26 5.05
C ILE B 201 1.02 -18.93 4.36
N GLY B 202 0.88 -17.84 5.12
CA GLY B 202 1.08 -16.50 4.59
C GLY B 202 2.50 -16.15 4.18
N LEU B 203 3.45 -17.02 4.50
CA LEU B 203 4.83 -16.81 4.08
C LEU B 203 4.97 -16.94 2.57
N GLY B 204 4.02 -17.61 1.95
CA GLY B 204 3.98 -17.73 0.49
C GLY B 204 4.29 -19.13 0.01
N ASP B 205 4.43 -19.25 -1.31
CA ASP B 205 4.57 -20.55 -1.98
C ASP B 205 5.93 -21.18 -1.66
N ALA B 206 5.90 -22.20 -0.81
CA ALA B 206 7.11 -22.86 -0.33
C ALA B 206 7.75 -23.76 -1.39
N THR B 207 7.06 -23.99 -2.51
CA THR B 207 7.57 -24.86 -3.56
C THR B 207 8.39 -24.11 -4.62
N LYS B 208 8.36 -22.79 -4.57
CA LYS B 208 9.06 -21.99 -5.57
C LYS B 208 10.57 -22.07 -5.38
N SER B 209 11.30 -22.09 -6.50
CA SER B 209 12.74 -22.02 -6.47
C SER B 209 13.15 -20.72 -5.78
N GLY B 210 14.17 -20.78 -4.95
CA GLY B 210 14.65 -19.59 -4.27
C GLY B 210 13.96 -19.34 -2.94
N ALA B 211 12.90 -20.08 -2.66
CA ALA B 211 12.21 -19.96 -1.38
C ALA B 211 13.12 -20.39 -0.22
N ASP B 212 13.19 -19.53 0.80
CA ASP B 212 13.92 -19.85 2.02
C ASP B 212 13.20 -19.22 3.19
N PHE B 213 12.52 -20.05 3.98
CA PHE B 213 11.67 -19.57 5.08
C PHE B 213 12.30 -19.85 6.45
N ASP B 214 13.56 -20.27 6.47
CA ASP B 214 14.16 -20.76 7.72
C ASP B 214 14.12 -19.74 8.86
N GLU B 215 14.58 -18.51 8.61
CA GLU B 215 14.60 -17.49 9.66
C GLU B 215 13.18 -17.08 10.05
N GLU B 216 12.31 -16.97 9.06
CA GLU B 216 10.91 -16.64 9.30
C GLU B 216 10.23 -17.74 10.11
N LEU B 217 10.46 -19.00 9.74
CA LEU B 217 9.86 -20.12 10.45
C LEU B 217 10.37 -20.22 11.89
N THR B 218 11.66 -19.94 12.10
CA THR B 218 12.21 -19.92 13.45
C THR B 218 11.45 -18.91 14.31
N ASP B 219 11.27 -17.72 13.76
CA ASP B 219 10.54 -16.63 14.42
C ASP B 219 9.11 -17.04 14.80
N LEU B 220 8.43 -17.73 13.90
CA LEU B 220 7.06 -18.19 14.14
C LEU B 220 7.00 -19.37 15.10
N LEU B 221 8.05 -20.18 15.16
CA LEU B 221 8.07 -21.30 16.09
C LEU B 221 8.28 -20.80 17.52
N TYR B 222 9.10 -19.77 17.70
CA TYR B 222 9.17 -19.11 18.99
C TYR B 222 7.79 -18.60 19.40
N PHE B 223 7.08 -18.01 18.45
CA PHE B 223 5.73 -17.50 18.68
C PHE B 223 4.79 -18.60 19.17
N VAL B 224 4.83 -19.75 18.50
CA VAL B 224 3.98 -20.88 18.87
C VAL B 224 4.34 -21.39 20.26
N VAL B 225 5.62 -21.51 20.55
CA VAL B 225 6.07 -21.93 21.89
C VAL B 225 5.59 -20.93 22.95
N ASP B 226 5.64 -19.64 22.62
CA ASP B 226 5.20 -18.59 23.54
C ASP B 226 3.69 -18.62 23.75
N ILE B 227 2.92 -18.97 22.73
CA ILE B 227 1.47 -19.11 22.87
C ILE B 227 1.14 -20.27 23.79
N LEU B 228 1.77 -21.42 23.54
CA LEU B 228 1.61 -22.59 24.39
C LEU B 228 1.96 -22.23 25.84
N GLN B 229 3.08 -21.55 26.03
CA GLN B 229 3.54 -21.14 27.34
C GLN B 229 2.46 -20.31 28.05
N PHE B 230 1.93 -19.33 27.33
CA PHE B 230 0.91 -18.41 27.85
C PHE B 230 -0.33 -19.15 28.34
N HIS B 231 -0.70 -20.21 27.62
CA HIS B 231 -1.89 -20.99 27.98
C HIS B 231 -1.56 -22.18 28.88
N GLY B 232 -0.35 -22.20 29.44
CA GLY B 232 -0.02 -23.12 30.51
C GLY B 232 0.71 -24.39 30.10
N GLU B 233 1.04 -24.54 28.82
CA GLU B 233 1.89 -25.64 28.37
C GLU B 233 3.31 -25.12 28.19
N ARG B 234 4.16 -25.37 29.19
CA ARG B 234 5.43 -24.66 29.29
C ARG B 234 6.63 -25.45 28.78
N ASN B 235 7.53 -24.74 28.11
CA ASN B 235 8.77 -25.31 27.57
C ASN B 235 9.92 -24.32 27.69
N ALA B 236 11.13 -24.84 27.83
CA ALA B 236 12.34 -24.02 27.78
C ALA B 236 12.92 -24.05 26.37
N TYR B 237 13.29 -22.89 25.85
CA TYR B 237 13.85 -22.78 24.50
C TYR B 237 15.03 -23.70 24.27
N ASP B 238 15.89 -23.80 25.29
CA ASP B 238 17.13 -24.56 25.19
C ASP B 238 16.90 -26.06 25.00
N GLU B 239 15.71 -26.53 25.37
CA GLU B 239 15.38 -27.94 25.27
C GLU B 239 14.62 -28.25 23.97
N ILE B 240 14.54 -27.27 23.08
CA ILE B 240 13.80 -27.42 21.82
C ILE B 240 14.73 -27.38 20.61
N ASP B 241 14.63 -28.41 19.78
CA ASP B 241 15.38 -28.48 18.53
C ASP B 241 14.62 -27.71 17.45
N PHE B 242 14.76 -26.38 17.48
CA PHE B 242 14.07 -25.53 16.53
C PHE B 242 14.47 -25.82 15.09
N ASP B 243 15.74 -26.11 14.85
CA ASP B 243 16.23 -26.36 13.50
C ASP B 243 15.50 -27.54 12.85
N SER B 244 15.24 -28.60 13.62
CA SER B 244 14.51 -29.75 13.10
C SER B 244 13.05 -29.40 12.85
N MET B 245 12.47 -28.60 13.74
CA MET B 245 11.08 -28.20 13.58
C MET B 245 10.92 -27.34 12.33
N VAL B 246 11.94 -26.53 12.03
CA VAL B 246 11.94 -25.70 10.83
C VAL B 246 11.87 -26.57 9.58
N VAL B 247 12.72 -27.59 9.50
CA VAL B 247 12.77 -28.48 8.34
C VAL B 247 11.43 -29.19 8.13
N GLU B 248 10.87 -29.73 9.21
CA GLU B 248 9.63 -30.49 9.12
C GLU B 248 8.44 -29.58 8.84
N THR B 249 8.46 -28.38 9.40
CA THR B 249 7.37 -27.43 9.15
C THR B 249 7.42 -26.98 7.70
N MET B 250 8.62 -26.75 7.17
CA MET B 250 8.78 -26.34 5.78
C MET B 250 8.29 -27.44 4.86
N ASP B 251 8.54 -28.69 5.24
CA ASP B 251 8.07 -29.81 4.44
C ASP B 251 6.54 -29.87 4.42
N ALA B 252 5.92 -29.57 5.56
CA ALA B 252 4.46 -29.52 5.63
C ALA B 252 3.91 -28.39 4.75
N LEU B 253 4.62 -27.27 4.71
CA LEU B 253 4.20 -26.14 3.89
C LEU B 253 4.35 -26.44 2.40
N MET B 254 5.38 -27.20 2.05
CA MET B 254 5.54 -27.62 0.67
C MET B 254 4.39 -28.52 0.25
N ALA B 255 3.90 -29.33 1.18
CA ALA B 255 2.77 -30.20 0.91
C ALA B 255 1.48 -29.39 0.72
N TYR B 256 1.30 -28.38 1.57
CA TYR B 256 0.15 -27.49 1.46
C TYR B 256 0.12 -26.82 0.09
N HIS B 257 1.23 -26.20 -0.29
CA HIS B 257 1.26 -25.36 -1.48
C HIS B 257 1.27 -26.17 -2.76
N ALA B 258 1.86 -27.36 -2.73
CA ALA B 258 1.79 -28.26 -3.89
C ALA B 258 0.33 -28.56 -4.21
N GLU B 259 -0.47 -28.80 -3.19
CA GLU B 259 -1.88 -29.12 -3.40
C GLU B 259 -2.69 -27.86 -3.71
N ALA B 260 -2.36 -26.76 -3.04
CA ALA B 260 -3.04 -25.49 -3.28
C ALA B 260 -2.82 -25.01 -4.72
N ASN B 261 -1.61 -25.19 -5.23
CA ASN B 261 -1.27 -24.73 -6.58
C ASN B 261 -2.03 -25.49 -7.67
N ALA B 262 -2.62 -26.63 -7.33
CA ALA B 262 -3.36 -27.41 -8.30
C ALA B 262 -4.72 -26.76 -8.61
N ALA B 263 -5.16 -25.87 -7.73
CA ALA B 263 -6.37 -25.08 -7.93
C ALA B 263 -6.05 -23.62 -7.56
N PRO B 264 -5.36 -22.90 -8.47
CA PRO B 264 -4.84 -21.56 -8.15
C PRO B 264 -5.94 -20.52 -7.97
N GLU B 265 -5.60 -19.44 -7.27
CA GLU B 265 -6.50 -18.29 -7.16
C GLU B 265 -6.43 -17.47 -8.45
N SER B 266 -7.57 -17.34 -9.11
CA SER B 266 -7.62 -16.65 -10.39
C SER B 266 -7.64 -15.13 -10.24
N ASP B 267 -8.65 -14.60 -9.56
CA ASP B 267 -8.75 -13.15 -9.40
C ASP B 267 -9.71 -12.79 -8.25
N SER B 268 -9.16 -12.65 -7.05
CA SER B 268 -9.96 -12.39 -5.85
C SER B 268 -10.25 -10.90 -5.64
N HIS B 269 -9.46 -10.04 -6.28
CA HIS B 269 -9.56 -8.59 -6.08
C HIS B 269 -9.37 -8.25 -4.61
N ALA B 270 -8.49 -9.00 -3.95
CA ALA B 270 -8.13 -8.74 -2.57
C ALA B 270 -7.51 -7.35 -2.43
N HIS B 271 -7.88 -6.65 -1.37
CA HIS B 271 -7.33 -5.34 -1.07
C HIS B 271 -7.05 -5.24 0.41
N THR B 272 -6.01 -4.50 0.76
CA THR B 272 -5.62 -4.27 2.13
C THR B 272 -5.73 -2.78 2.45
N ILE B 273 -6.32 -2.46 3.59
CA ILE B 273 -6.42 -1.07 4.03
C ILE B 273 -5.68 -0.90 5.35
N LEU B 274 -4.72 0.03 5.37
CA LEU B 274 -3.91 0.30 6.54
C LEU B 274 -4.47 1.44 7.36
N VAL B 275 -4.55 1.20 8.66
CA VAL B 275 -4.82 2.26 9.63
C VAL B 275 -3.54 2.46 10.44
N LEU B 276 -2.97 3.65 10.34
CA LEU B 276 -1.66 3.92 10.94
C LEU B 276 -1.74 4.91 12.09
N ASP B 277 -0.98 4.64 13.14
CA ASP B 277 -0.87 5.60 14.24
C ASP B 277 0.00 6.76 13.77
N LYS B 278 -0.08 7.88 14.49
CA LYS B 278 0.47 9.15 14.00
C LYS B 278 1.95 9.09 13.60
N GLN B 279 2.76 8.34 14.34
CA GLN B 279 4.19 8.27 14.08
C GLN B 279 4.57 7.35 12.90
N LEU B 280 3.59 6.62 12.36
CA LEU B 280 3.90 5.58 11.38
C LEU B 280 3.52 5.93 9.95
N HIS B 281 2.87 7.08 9.75
CA HIS B 281 2.46 7.49 8.41
C HIS B 281 3.65 7.75 7.48
N VAL B 282 4.78 8.18 8.04
CA VAL B 282 5.92 8.56 7.22
C VAL B 282 6.62 7.34 6.60
N PHE B 283 6.41 6.16 7.17
CA PHE B 283 6.98 4.93 6.61
C PHE B 283 6.25 4.50 5.34
N PRO B 284 7.00 4.19 4.28
CA PRO B 284 6.36 3.70 3.04
C PRO B 284 6.06 2.20 3.13
N TRP B 285 5.11 1.83 3.98
CA TRP B 285 4.78 0.43 4.24
C TRP B 285 4.51 -0.35 2.97
N GLU B 286 3.79 0.28 2.06
CA GLU B 286 3.40 -0.35 0.80
C GLU B 286 4.60 -0.79 -0.03
N SER B 287 5.76 -0.21 0.24
CA SER B 287 6.97 -0.50 -0.53
C SER B 287 7.91 -1.43 0.20
N LEU B 288 7.51 -1.90 1.37
CA LEU B 288 8.19 -3.02 1.99
C LEU B 288 8.18 -4.15 0.98
N PRO B 289 9.32 -4.84 0.82
CA PRO B 289 9.45 -5.90 -0.19
C PRO B 289 8.26 -6.86 -0.22
N CYS B 290 7.79 -7.31 0.94
CA CYS B 290 6.70 -8.28 0.99
C CYS B 290 5.34 -7.69 0.63
N LEU B 291 5.24 -6.36 0.57
CA LEU B 291 3.96 -5.70 0.26
C LEU B 291 3.91 -5.07 -1.13
N GLN B 292 5.04 -5.01 -1.82
CA GLN B 292 5.11 -4.28 -3.08
C GLN B 292 4.13 -4.79 -4.13
N GLY B 293 3.88 -6.10 -4.14
CA GLY B 293 2.98 -6.69 -5.12
C GLY B 293 1.50 -6.58 -4.75
N LEU B 294 1.20 -6.05 -3.58
CA LEU B 294 -0.16 -6.08 -3.05
C LEU B 294 -0.88 -4.75 -3.25
N ALA B 295 -2.19 -4.84 -3.47
CA ALA B 295 -3.05 -3.66 -3.52
C ALA B 295 -3.30 -3.18 -2.10
N VAL B 296 -2.63 -2.10 -1.71
CA VAL B 296 -2.70 -1.56 -0.36
C VAL B 296 -3.02 -0.06 -0.37
N SER B 297 -4.04 0.34 0.40
CA SER B 297 -4.35 1.75 0.59
C SER B 297 -4.35 2.07 2.07
N ARG B 298 -4.46 3.35 2.39
CA ARG B 298 -4.49 3.84 3.77
C ARG B 298 -5.83 4.50 4.06
N ILE B 299 -6.21 4.54 5.33
CA ILE B 299 -7.43 5.23 5.72
C ILE B 299 -7.21 5.88 7.09
N PRO B 300 -7.68 7.13 7.28
CA PRO B 300 -7.46 7.83 8.55
C PRO B 300 -8.02 7.10 9.77
N SER B 301 -9.19 6.50 9.59
CA SER B 301 -9.91 5.85 10.69
C SER B 301 -10.91 4.84 10.14
N LEU B 302 -11.39 3.96 11.02
CA LEU B 302 -12.44 3.03 10.65
C LEU B 302 -13.75 3.77 10.37
N ALA B 303 -13.97 4.87 11.07
CA ALA B 303 -15.15 5.70 10.82
C ALA B 303 -15.13 6.23 9.39
N CYS B 304 -13.97 6.68 8.95
CA CYS B 304 -13.81 7.18 7.60
C CYS B 304 -14.05 6.08 6.57
N LEU B 305 -13.45 4.91 6.79
CA LEU B 305 -13.64 3.76 5.91
C LEU B 305 -15.12 3.42 5.76
N ARG B 306 -15.82 3.37 6.88
CA ARG B 306 -17.24 3.01 6.90
C ARG B 306 -18.07 4.00 6.08
N LYS B 307 -17.76 5.29 6.24
CA LYS B 307 -18.45 6.36 5.51
C LYS B 307 -18.27 6.21 3.99
N LEU B 308 -17.03 5.98 3.56
CA LEU B 308 -16.75 5.84 2.13
C LEU B 308 -17.46 4.64 1.55
N LEU B 309 -17.52 3.55 2.30
CA LEU B 309 -18.21 2.34 1.84
C LEU B 309 -19.70 2.58 1.65
N LEU B 310 -20.31 3.34 2.54
CA LEU B 310 -21.76 3.55 2.46
C LEU B 310 -22.11 4.49 1.31
N ASP B 311 -21.11 5.21 0.79
CA ASP B 311 -21.33 6.15 -0.31
C ASP B 311 -20.82 5.64 -1.67
N ARG B 312 -20.52 4.34 -1.76
CA ARG B 312 -20.02 3.76 -3.01
C ARG B 312 -21.07 3.88 -4.12
N ARG B 313 -20.60 4.20 -5.34
CA ARG B 313 -21.45 4.19 -6.53
C ARG B 313 -21.31 2.84 -7.22
N ARG B 314 -22.44 2.26 -7.61
CA ARG B 314 -22.45 1.00 -8.34
C ARG B 314 -22.07 1.21 -9.79
N SER B 315 -21.51 0.18 -10.41
CA SER B 315 -21.20 0.22 -11.83
C SER B 315 -22.46 0.28 -12.67
N SER B 316 -22.33 0.83 -13.88
CA SER B 316 -23.44 0.87 -14.82
C SER B 316 -23.77 -0.51 -15.38
N SER B 317 -22.88 -1.47 -15.16
CA SER B 317 -23.08 -2.83 -15.65
C SER B 317 -24.39 -3.42 -15.14
N GLU B 327 -21.18 -11.97 -6.41
CA GLU B 327 -20.30 -12.88 -7.14
C GLU B 327 -19.34 -12.13 -8.05
N ASP B 328 -19.48 -10.81 -8.11
CA ASP B 328 -18.54 -9.96 -8.84
C ASP B 328 -17.75 -9.12 -7.85
N PRO B 329 -16.51 -9.55 -7.53
CA PRO B 329 -15.70 -8.86 -6.51
C PRO B 329 -15.48 -7.38 -6.79
N ARG B 330 -15.53 -6.97 -8.06
CA ARG B 330 -15.36 -5.56 -8.41
C ARG B 330 -16.47 -4.71 -7.81
N SER B 331 -17.60 -5.33 -7.51
CA SER B 331 -18.75 -4.60 -6.99
C SER B 331 -18.47 -4.01 -5.60
N ALA B 332 -17.40 -4.47 -4.95
CA ALA B 332 -17.03 -3.97 -3.62
C ALA B 332 -16.43 -2.57 -3.69
N GLY B 333 -15.94 -2.18 -4.85
CA GLY B 333 -15.32 -0.88 -5.01
C GLY B 333 -16.30 0.23 -5.36
N HIS B 334 -15.83 1.46 -5.29
CA HIS B 334 -16.56 2.61 -5.83
C HIS B 334 -16.31 2.63 -7.34
N HIS B 335 -17.36 2.92 -8.10
CA HIS B 335 -17.22 3.00 -9.56
C HIS B 335 -17.41 4.42 -10.05
N ALA B 336 -16.34 4.98 -10.58
CA ALA B 336 -16.30 6.36 -11.05
C ALA B 336 -16.43 6.41 -12.57
N PRO B 337 -17.44 7.11 -13.10
CA PRO B 337 -17.53 7.24 -14.56
C PRO B 337 -16.29 7.87 -15.19
N LEU B 338 -15.93 7.40 -16.38
CA LEU B 338 -14.82 7.98 -17.13
C LEU B 338 -15.20 9.37 -17.63
N SER B 339 -16.47 9.53 -17.97
CA SER B 339 -16.96 10.79 -18.51
C SER B 339 -16.94 11.89 -17.45
N GLY B 340 -16.56 13.10 -17.87
CA GLY B 340 -16.78 14.29 -17.07
C GLY B 340 -15.72 14.61 -16.04
N GLY B 341 -14.54 14.02 -16.19
CA GLY B 341 -13.43 14.29 -15.28
C GLY B 341 -12.82 15.67 -15.52
N THR B 342 -11.83 16.02 -14.72
CA THR B 342 -11.10 17.27 -14.89
C THR B 342 -9.60 17.00 -14.79
N TYR B 343 -8.83 17.59 -15.68
CA TYR B 343 -7.39 17.59 -15.49
C TYR B 343 -6.82 18.99 -15.45
N ILE B 344 -5.92 19.17 -14.48
CA ILE B 344 -5.20 20.42 -14.27
C ILE B 344 -3.74 20.10 -14.56
N LEU B 345 -3.24 20.61 -15.67
CA LEU B 345 -1.93 20.22 -16.20
C LEU B 345 -0.99 21.42 -16.31
N ASN B 346 0.11 21.37 -15.56
CA ASN B 346 1.12 22.43 -15.58
C ASN B 346 0.52 23.81 -15.27
N PRO B 347 -0.20 23.93 -14.14
CA PRO B 347 -0.87 25.20 -13.81
C PRO B 347 0.08 26.39 -13.62
N SER B 348 1.34 26.14 -13.27
CA SER B 348 2.30 27.23 -13.08
C SER B 348 3.17 27.48 -14.32
N SER B 349 2.86 26.76 -15.40
CA SER B 349 3.48 26.95 -16.73
C SER B 349 4.93 26.47 -16.88
N ASP B 350 5.63 26.22 -15.78
CA ASP B 350 7.06 25.92 -15.88
C ASP B 350 7.35 24.43 -16.10
N LEU B 351 6.35 23.58 -15.93
CA LEU B 351 6.55 22.13 -16.08
C LEU B 351 6.29 21.71 -17.53
N LEU B 352 7.19 22.10 -18.42
CA LEU B 352 7.01 21.89 -19.84
C LEU B 352 7.12 20.43 -20.27
N SER B 353 8.00 19.66 -19.63
CA SER B 353 8.16 18.25 -19.99
C SER B 353 6.91 17.46 -19.62
N THR B 354 6.37 17.73 -18.42
CA THR B 354 5.12 17.12 -17.97
C THR B 354 3.96 17.46 -18.91
N GLN B 355 3.87 18.74 -19.27
CA GLN B 355 2.87 19.20 -20.21
C GLN B 355 2.97 18.46 -21.54
N LYS B 356 4.20 18.38 -22.07
CA LYS B 356 4.48 17.69 -23.33
C LYS B 356 4.08 16.21 -23.28
N THR B 357 4.35 15.58 -22.15
CA THR B 357 4.09 14.15 -21.99
C THR B 357 2.61 13.82 -22.09
N PHE B 358 1.75 14.68 -21.53
CA PHE B 358 0.33 14.34 -21.37
C PHE B 358 -0.67 15.16 -22.18
N GLU B 359 -0.30 16.35 -22.64
CA GLU B 359 -1.31 17.27 -23.19
C GLU B 359 -2.07 16.68 -24.39
N SER B 360 -1.36 16.17 -25.38
CA SER B 360 -2.00 15.60 -26.55
C SER B 360 -2.76 14.32 -26.21
N LEU B 361 -2.19 13.47 -25.36
CA LEU B 361 -2.89 12.26 -24.93
C LEU B 361 -4.20 12.61 -24.25
N PHE B 362 -4.16 13.61 -23.38
CA PHE B 362 -5.36 14.01 -22.66
C PHE B 362 -6.40 14.63 -23.61
N SER B 363 -5.96 15.43 -24.57
CA SER B 363 -6.90 16.00 -25.54
C SER B 363 -7.59 14.88 -26.33
N THR B 364 -6.80 13.92 -26.77
CA THR B 364 -7.28 12.84 -27.64
C THR B 364 -8.20 11.85 -26.94
N HIS B 365 -7.88 11.53 -25.69
CA HIS B 365 -8.56 10.43 -24.98
C HIS B 365 -9.53 10.87 -23.90
N LEU B 366 -9.40 12.11 -23.42
CA LEU B 366 -10.24 12.59 -22.32
C LEU B 366 -11.09 13.79 -22.73
N HIS B 367 -10.47 14.85 -23.20
CA HIS B 367 -11.20 16.07 -23.52
C HIS B 367 -12.15 15.88 -24.71
N SER B 368 -11.63 15.30 -25.80
CA SER B 368 -12.41 15.19 -27.02
C SER B 368 -13.56 14.17 -26.91
N PRO B 369 -13.28 12.93 -26.46
CA PRO B 369 -14.33 11.93 -26.48
C PRO B 369 -15.11 11.73 -25.18
N ASN B 370 -14.58 12.20 -24.05
CA ASN B 370 -15.16 11.88 -22.75
C ASN B 370 -15.55 13.10 -21.91
N SER B 371 -15.67 14.26 -22.58
CA SER B 371 -16.20 15.48 -21.97
C SER B 371 -15.46 15.92 -20.71
N TRP B 372 -14.14 15.78 -20.70
CA TRP B 372 -13.34 16.25 -19.57
C TRP B 372 -13.15 17.77 -19.63
N THR B 373 -13.08 18.39 -18.46
CA THR B 373 -12.65 19.77 -18.35
C THR B 373 -11.13 19.81 -18.29
N ARG B 374 -10.53 20.76 -19.01
CA ARG B 374 -9.07 20.90 -18.98
C ARG B 374 -8.65 22.31 -18.59
N ILE B 375 -7.69 22.37 -17.69
CA ILE B 375 -7.05 23.61 -17.27
C ILE B 375 -5.55 23.41 -17.50
N ILE B 376 -5.00 24.13 -18.47
CA ILE B 376 -3.63 23.91 -18.90
C ILE B 376 -2.82 25.20 -18.93
N SER B 377 -1.65 25.15 -18.32
CA SER B 377 -0.69 26.25 -18.34
C SER B 377 -1.29 27.55 -17.81
N ARG B 378 -2.18 27.43 -16.83
CA ARG B 378 -2.69 28.59 -16.10
C ARG B 378 -3.19 28.10 -14.75
N PRO B 379 -3.15 28.97 -13.74
CA PRO B 379 -3.62 28.49 -12.44
C PRO B 379 -5.14 28.30 -12.42
N PRO B 380 -5.62 27.21 -11.80
CA PRO B 380 -7.07 27.11 -11.63
C PRO B 380 -7.54 28.09 -10.56
N THR B 381 -8.70 28.69 -10.73
CA THR B 381 -9.27 29.51 -9.68
C THR B 381 -9.84 28.60 -8.60
N GLU B 382 -10.08 29.13 -7.42
CA GLU B 382 -10.62 28.31 -6.34
C GLU B 382 -12.01 27.76 -6.72
N PRO B 383 -12.88 28.60 -7.32
CA PRO B 383 -14.17 28.08 -7.78
C PRO B 383 -14.04 26.95 -8.81
N GLU B 384 -13.08 27.06 -9.72
CA GLU B 384 -12.86 26.02 -10.72
C GLU B 384 -12.46 24.71 -10.05
N PHE B 385 -11.60 24.82 -9.05
CA PHE B 385 -11.10 23.64 -8.35
C PHE B 385 -12.24 22.99 -7.58
N LEU B 386 -13.00 23.80 -6.85
CA LEU B 386 -14.12 23.28 -6.07
C LEU B 386 -15.21 22.69 -6.97
N SER B 387 -15.43 23.31 -8.12
CA SER B 387 -16.42 22.79 -9.06
C SER B 387 -15.99 21.43 -9.61
N ALA B 388 -14.69 21.28 -9.90
CA ALA B 388 -14.17 20.01 -10.36
C ALA B 388 -14.37 18.93 -9.30
N LEU B 389 -14.08 19.25 -8.04
CA LEU B 389 -14.24 18.30 -6.96
C LEU B 389 -15.71 17.88 -6.80
N THR B 390 -16.61 18.81 -7.08
CA THR B 390 -18.04 18.59 -6.92
C THR B 390 -18.67 17.76 -8.05
N HIS B 391 -18.20 17.99 -9.28
CA HIS B 391 -18.84 17.43 -10.47
C HIS B 391 -18.05 16.31 -11.18
N SER B 392 -16.73 16.31 -11.03
CA SER B 392 -15.90 15.34 -11.75
C SER B 392 -15.73 14.03 -10.96
N PRO B 393 -15.94 12.88 -11.61
CA PRO B 393 -15.66 11.62 -10.93
C PRO B 393 -14.16 11.41 -10.69
N ILE B 394 -13.34 11.98 -11.55
CA ILE B 394 -11.89 11.89 -11.46
C ILE B 394 -11.27 13.27 -11.66
N LEU B 395 -10.36 13.64 -10.77
CA LEU B 395 -9.58 14.87 -10.92
C LEU B 395 -8.10 14.53 -10.97
N LEU B 396 -7.44 14.97 -12.03
CA LEU B 396 -5.99 14.79 -12.18
C LEU B 396 -5.31 16.13 -11.97
N TYR B 397 -4.47 16.20 -10.95
CA TYR B 397 -3.67 17.40 -10.68
C TYR B 397 -2.20 17.08 -10.93
N PHE B 398 -1.67 17.59 -12.04
CA PHE B 398 -0.27 17.40 -12.40
C PHE B 398 0.43 18.76 -12.30
N GLY B 399 0.92 19.09 -11.11
CA GLY B 399 1.56 20.37 -10.87
C GLY B 399 2.50 20.31 -9.70
N HIS B 400 2.75 21.45 -9.08
CA HIS B 400 3.59 21.51 -7.89
C HIS B 400 2.76 21.26 -6.62
N GLY B 401 3.35 20.54 -5.67
CA GLY B 401 2.73 20.33 -4.37
C GLY B 401 1.39 19.63 -4.44
N SER B 402 0.49 20.05 -3.56
CA SER B 402 -0.83 19.44 -3.43
C SER B 402 -1.94 20.21 -4.14
N GLY B 403 -1.60 21.40 -4.64
CA GLY B 403 -2.60 22.31 -5.18
C GLY B 403 -3.19 23.24 -4.12
N ALA B 404 -2.68 23.16 -2.90
CA ALA B 404 -3.19 24.00 -1.81
C ALA B 404 -2.96 25.50 -2.09
N GLN B 405 -2.05 25.80 -3.01
CA GLN B 405 -1.81 27.18 -3.41
C GLN B 405 -2.99 27.76 -4.23
N TYR B 406 -3.92 26.90 -4.64
CA TYR B 406 -5.06 27.30 -5.49
C TYR B 406 -6.40 27.15 -4.80
N ILE B 407 -6.46 26.34 -3.76
CA ILE B 407 -7.71 26.07 -3.05
C ILE B 407 -7.44 25.93 -1.55
N ARG B 408 -8.23 26.62 -0.75
CA ARG B 408 -8.06 26.60 0.70
C ARG B 408 -8.66 25.35 1.30
N SER B 409 -7.95 24.78 2.27
CA SER B 409 -8.36 23.52 2.89
C SER B 409 -9.77 23.57 3.46
N ARG B 410 -10.13 24.72 4.03
CA ARG B 410 -11.41 24.82 4.71
C ARG B 410 -12.58 24.88 3.73
N ASN B 411 -12.31 25.23 2.47
CA ASN B 411 -13.36 25.23 1.47
C ASN B 411 -13.58 23.81 0.93
N ILE B 412 -12.55 22.98 1.02
CA ILE B 412 -12.70 21.56 0.74
C ILE B 412 -13.60 20.93 1.82
N ARG B 413 -13.64 21.55 2.99
CA ARG B 413 -14.51 21.08 4.07
C ARG B 413 -15.95 21.54 3.89
N HIS B 414 -16.12 22.74 3.33
CA HIS B 414 -17.45 23.29 3.10
C HIS B 414 -18.24 22.49 2.07
N LEU B 415 -17.53 21.71 1.25
CA LEU B 415 -18.17 20.91 0.20
C LEU B 415 -19.25 20.01 0.79
N ASP B 416 -20.45 20.11 0.23
CA ASP B 416 -21.53 19.20 0.62
C ASP B 416 -21.09 17.76 0.35
N HIS B 417 -20.36 17.58 -0.75
CA HIS B 417 -19.75 16.29 -1.03
C HIS B 417 -18.66 16.40 -2.11
N CYS B 418 -17.55 15.70 -1.86
CA CYS B 418 -16.48 15.61 -2.83
C CYS B 418 -16.68 14.37 -3.69
N ARG B 419 -17.16 14.57 -4.90
CA ARG B 419 -17.42 13.47 -5.82
C ARG B 419 -16.11 12.85 -6.29
N ALA B 420 -15.12 13.70 -6.52
CA ALA B 420 -13.92 13.30 -7.24
C ALA B 420 -13.01 12.34 -6.48
N THR B 421 -12.51 11.36 -7.22
CA THR B 421 -11.33 10.60 -6.88
C THR B 421 -10.16 11.45 -7.39
N VAL B 422 -9.19 11.72 -6.52
CA VAL B 422 -8.20 12.77 -6.78
C VAL B 422 -6.79 12.22 -6.86
N LEU B 423 -6.08 12.57 -7.93
CA LEU B 423 -4.66 12.23 -8.06
C LEU B 423 -3.83 13.50 -7.94
N LEU B 424 -3.11 13.63 -6.83
CA LEU B 424 -2.28 14.80 -6.57
C LEU B 424 -0.83 14.48 -6.91
N MET B 425 -0.48 14.61 -8.19
CA MET B 425 0.87 14.33 -8.64
C MET B 425 1.71 15.59 -8.50
N GLY B 426 2.27 15.75 -7.30
CA GLY B 426 3.16 16.84 -6.98
C GLY B 426 3.97 16.47 -5.75
N CYS B 427 4.85 17.37 -5.33
CA CYS B 427 5.74 17.12 -4.21
C CYS B 427 5.02 17.08 -2.87
N SER B 428 5.26 16.03 -2.10
CA SER B 428 4.79 15.91 -0.72
C SER B 428 3.29 16.21 -0.59
N SER B 429 2.51 15.77 -1.57
CA SER B 429 1.08 16.09 -1.61
C SER B 429 0.27 15.31 -0.56
N ALA B 430 0.88 14.25 -0.01
CA ALA B 430 0.24 13.43 1.02
C ALA B 430 1.08 13.38 2.29
N ALA B 431 1.97 14.35 2.46
CA ALA B 431 3.03 14.27 3.47
C ALA B 431 2.67 14.89 4.82
N LEU B 432 3.49 14.53 5.82
CA LEU B 432 3.44 15.12 7.17
C LEU B 432 2.04 15.19 7.74
N PRO B 440 -2.79 13.99 12.87
CA PRO B 440 -2.19 14.49 11.62
C PRO B 440 -3.09 15.51 10.91
N SER B 441 -2.49 16.32 10.04
CA SER B 441 -3.24 17.28 9.26
C SER B 441 -2.55 17.52 7.92
N GLY B 442 -3.35 17.77 6.88
CA GLY B 442 -2.84 17.98 5.54
C GLY B 442 -3.95 17.85 4.52
N PRO B 443 -3.65 18.15 3.24
CA PRO B 443 -4.64 18.10 2.16
C PRO B 443 -5.40 16.78 2.10
N VAL B 444 -4.68 15.66 2.22
CA VAL B 444 -5.31 14.35 2.14
C VAL B 444 -6.33 14.18 3.26
N TRP B 445 -6.02 14.72 4.42
CA TRP B 445 -6.91 14.64 5.57
C TRP B 445 -8.25 15.28 5.24
N ASN B 446 -8.21 16.42 4.56
CA ASN B 446 -9.42 17.17 4.25
C ASN B 446 -10.24 16.55 3.13
N TYR B 447 -9.57 15.94 2.15
CA TYR B 447 -10.27 15.22 1.10
C TYR B 447 -11.02 14.03 1.69
N MET B 448 -10.38 13.32 2.61
CA MET B 448 -11.02 12.21 3.31
C MET B 448 -12.23 12.71 4.10
N LEU B 449 -12.07 13.84 4.77
CA LEU B 449 -13.19 14.45 5.50
C LEU B 449 -14.33 14.79 4.55
N ALA B 450 -13.98 15.29 3.37
CA ALA B 450 -14.97 15.72 2.38
C ALA B 450 -15.66 14.53 1.70
N GLY B 451 -15.07 13.36 1.83
CA GLY B 451 -15.66 12.14 1.29
C GLY B 451 -15.14 11.74 -0.07
N ALA B 452 -13.97 12.24 -0.45
CA ALA B 452 -13.31 11.77 -1.68
C ALA B 452 -13.14 10.26 -1.56
N PRO B 453 -13.57 9.50 -2.58
CA PRO B 453 -13.44 8.05 -2.43
C PRO B 453 -12.00 7.58 -2.28
N ALA B 454 -11.08 8.29 -2.94
CA ALA B 454 -9.67 7.99 -2.82
C ALA B 454 -8.86 9.20 -3.25
N VAL B 455 -7.67 9.33 -2.67
CA VAL B 455 -6.71 10.36 -3.04
C VAL B 455 -5.33 9.74 -3.15
N VAL B 456 -4.67 9.93 -4.30
CA VAL B 456 -3.31 9.46 -4.50
C VAL B 456 -2.37 10.64 -4.29
N GLY B 457 -1.35 10.46 -3.46
CA GLY B 457 -0.40 11.52 -3.18
C GLY B 457 0.97 11.00 -2.81
N THR B 458 1.88 11.92 -2.53
CA THR B 458 3.27 11.56 -2.27
C THR B 458 3.69 11.92 -0.86
N LEU B 459 4.46 11.03 -0.25
CA LEU B 459 4.92 11.20 1.13
C LEU B 459 6.09 12.19 1.22
N TRP B 460 6.82 12.37 0.12
CA TRP B 460 7.93 13.30 0.08
C TRP B 460 8.08 13.85 -1.34
N ASP B 461 9.15 14.63 -1.59
CA ASP B 461 9.29 15.32 -2.86
C ASP B 461 9.71 14.37 -3.98
N VAL B 462 9.26 14.68 -5.19
CA VAL B 462 9.57 13.87 -6.36
C VAL B 462 9.96 14.77 -7.52
N THR B 463 10.50 14.19 -8.58
CA THR B 463 10.86 14.95 -9.77
C THR B 463 9.90 14.64 -10.91
N ASP B 464 9.88 15.50 -11.92
CA ASP B 464 8.80 15.51 -12.90
C ASP B 464 8.73 14.26 -13.77
N ARG B 465 9.82 13.92 -14.45
CA ARG B 465 9.76 12.79 -15.39
C ARG B 465 9.47 11.47 -14.68
N ASP B 466 10.02 11.26 -13.48
CA ASP B 466 9.82 9.97 -12.84
C ASP B 466 8.42 9.85 -12.25
N ILE B 467 7.86 10.92 -11.72
CA ILE B 467 6.49 10.82 -11.20
C ILE B 467 5.53 10.73 -12.38
N ASP B 468 5.92 11.29 -13.53
CA ASP B 468 5.13 11.16 -14.74
C ASP B 468 5.08 9.71 -15.25
N ARG B 469 6.20 9.01 -15.11
CA ARG B 469 6.24 7.59 -15.47
C ARG B 469 5.24 6.82 -14.62
N PHE B 470 5.25 7.12 -13.31
CA PHE B 470 4.31 6.51 -12.38
C PHE B 470 2.88 6.87 -12.74
N ALA B 471 2.61 8.15 -12.93
CA ALA B 471 1.25 8.63 -13.21
C ALA B 471 0.70 8.00 -14.49
N GLY B 472 1.54 7.90 -15.51
CA GLY B 472 1.14 7.29 -16.77
C GLY B 472 0.76 5.84 -16.57
N GLY B 473 1.52 5.15 -15.73
CA GLY B 473 1.24 3.76 -15.40
C GLY B 473 -0.07 3.59 -14.67
N VAL B 474 -0.36 4.51 -13.75
CA VAL B 474 -1.63 4.46 -13.01
C VAL B 474 -2.80 4.59 -13.98
N LEU B 475 -2.72 5.58 -14.87
CA LEU B 475 -3.83 5.86 -15.78
C LEU B 475 -4.07 4.70 -16.76
N GLU B 476 -3.00 4.08 -17.23
CA GLU B 476 -3.13 2.92 -18.09
C GLU B 476 -3.71 1.71 -17.36
N GLY B 477 -3.20 1.44 -16.16
CA GLY B 477 -3.68 0.30 -15.39
C GLY B 477 -5.13 0.47 -14.97
N TRP B 478 -5.49 1.70 -14.64
CA TRP B 478 -6.81 2.05 -14.14
C TRP B 478 -7.85 2.10 -15.26
N GLY B 479 -7.38 2.37 -16.47
CA GLY B 479 -8.23 2.42 -17.64
C GLY B 479 -8.68 3.82 -18.03
N VAL B 480 -8.04 4.85 -17.46
CA VAL B 480 -8.32 6.22 -17.86
C VAL B 480 -7.75 6.47 -19.26
N LEU B 481 -6.54 5.95 -19.51
CA LEU B 481 -5.93 5.96 -20.84
C LEU B 481 -5.82 4.54 -21.39
N PRO B 482 -5.86 4.38 -22.73
CA PRO B 482 -5.69 3.03 -23.29
C PRO B 482 -4.31 2.47 -23.03
N GLU B 483 -4.22 1.15 -23.03
CA GLU B 483 -2.95 0.48 -22.87
C GLU B 483 -2.00 0.88 -23.99
N GLY B 484 -0.76 1.17 -23.63
CA GLY B 484 0.27 1.45 -24.61
C GLY B 484 0.40 2.92 -25.00
N CYS B 485 -0.43 3.77 -24.39
CA CYS B 485 -0.39 5.21 -24.64
C CYS B 485 0.98 5.83 -24.35
N MET B 486 1.53 5.54 -23.17
CA MET B 486 2.76 6.18 -22.72
C MET B 486 3.99 5.77 -23.52
N GLY B 487 4.03 4.51 -23.96
CA GLY B 487 5.15 4.00 -24.71
C GLY B 487 5.27 4.65 -26.09
N LYS B 493 -3.07 6.39 -32.53
CA LYS B 493 -3.75 6.52 -31.24
C LYS B 493 -4.27 5.16 -30.78
N LYS B 494 -4.13 4.88 -29.49
CA LYS B 494 -4.43 3.56 -28.94
C LYS B 494 -5.90 3.37 -28.59
N ALA B 495 -6.31 2.12 -28.50
CA ALA B 495 -7.65 1.76 -28.05
C ALA B 495 -7.59 0.45 -27.26
N GLY B 496 -8.52 0.27 -26.33
CA GLY B 496 -8.55 -0.91 -25.50
C GLY B 496 -7.92 -0.64 -24.15
N ARG B 497 -8.65 -0.92 -23.08
CA ARG B 497 -8.21 -0.46 -21.78
C ARG B 497 -8.35 -1.50 -20.67
N ASN B 498 -7.43 -1.39 -19.71
CA ASN B 498 -7.39 -2.20 -18.49
C ASN B 498 -8.49 -1.75 -17.53
N GLY B 499 -8.64 -2.48 -16.43
CA GLY B 499 -9.70 -2.20 -15.49
C GLY B 499 -9.33 -2.49 -14.04
N LEU B 500 -8.06 -2.31 -13.71
CA LEU B 500 -7.60 -2.50 -12.34
C LEU B 500 -8.27 -1.48 -11.44
N SER B 501 -8.40 -1.79 -10.15
CA SER B 501 -8.79 -0.76 -9.19
C SER B 501 -7.67 0.29 -9.13
N LEU B 502 -7.99 1.48 -8.66
CA LEU B 502 -6.97 2.52 -8.50
C LEU B 502 -5.81 2.03 -7.65
N VAL B 503 -6.14 1.27 -6.60
CA VAL B 503 -5.14 0.76 -5.68
C VAL B 503 -4.24 -0.28 -6.35
N GLN B 504 -4.84 -1.20 -7.09
CA GLN B 504 -4.08 -2.16 -7.88
C GLN B 504 -3.18 -1.45 -8.90
N ALA B 505 -3.73 -0.41 -9.51
CA ALA B 505 -3.02 0.35 -10.54
C ALA B 505 -1.81 1.07 -9.96
N VAL B 506 -1.99 1.66 -8.78
CA VAL B 506 -0.90 2.34 -8.10
C VAL B 506 0.22 1.35 -7.76
N ALA B 507 -0.14 0.18 -7.22
CA ALA B 507 0.85 -0.82 -6.87
C ALA B 507 1.65 -1.27 -8.09
N LYS B 508 0.96 -1.47 -9.21
CA LYS B 508 1.62 -1.90 -10.43
C LYS B 508 2.47 -0.79 -11.02
N ALA B 509 1.99 0.45 -10.92
CA ALA B 509 2.64 1.59 -11.56
C ALA B 509 3.99 1.93 -10.94
N ARG B 510 4.23 1.48 -9.71
CA ARG B 510 5.53 1.72 -9.08
C ARG B 510 6.65 1.09 -9.91
N ASP B 511 6.31 0.07 -10.71
CA ASP B 511 7.28 -0.58 -11.60
C ASP B 511 7.82 0.35 -12.69
N ARG B 512 7.08 1.41 -13.02
CA ARG B 512 7.41 2.26 -14.15
C ARG B 512 8.54 3.24 -13.86
N CYS B 513 8.76 3.53 -12.58
CA CYS B 513 9.76 4.52 -12.20
C CYS B 513 11.19 4.02 -12.38
N ARG B 514 12.09 4.95 -12.67
CA ARG B 514 13.51 4.63 -12.70
C ARG B 514 14.00 4.30 -11.29
N PHE B 515 13.38 4.94 -10.29
CA PHE B 515 13.71 4.68 -8.89
C PHE B 515 12.49 4.18 -8.13
N ARG B 516 12.49 2.89 -7.80
CA ARG B 516 11.37 2.29 -7.07
C ARG B 516 11.24 2.86 -5.66
N TYR B 517 12.35 3.29 -5.08
CA TYR B 517 12.32 3.77 -3.70
C TYR B 517 12.36 5.29 -3.62
N VAL B 518 13.31 5.91 -4.30
CA VAL B 518 13.43 7.36 -4.27
C VAL B 518 12.16 8.05 -4.81
N THR B 519 11.55 7.48 -5.85
CA THR B 519 10.32 8.03 -6.41
C THR B 519 9.07 7.24 -6.01
N ALA B 520 8.99 5.98 -6.43
CA ALA B 520 7.72 5.26 -6.36
C ALA B 520 7.25 4.99 -4.92
N ALA B 521 8.18 4.83 -3.99
CA ALA B 521 7.81 4.53 -2.61
C ALA B 521 7.12 5.73 -1.96
N ALA B 522 7.30 6.91 -2.53
CA ALA B 522 6.60 8.10 -2.05
C ALA B 522 5.09 8.01 -2.32
N ALA B 523 4.72 7.26 -3.35
CA ALA B 523 3.33 7.25 -3.81
C ALA B 523 2.47 6.33 -2.94
N VAL B 524 1.41 6.91 -2.38
CA VAL B 524 0.45 6.16 -1.58
C VAL B 524 -0.96 6.59 -1.93
N VAL B 525 -1.94 5.76 -1.60
CA VAL B 525 -3.34 6.11 -1.81
C VAL B 525 -4.12 5.99 -0.51
N TYR B 526 -4.83 7.06 -0.19
CA TYR B 526 -5.74 7.10 0.94
C TYR B 526 -7.16 6.94 0.42
N GLY B 527 -7.90 5.99 0.99
CA GLY B 527 -9.28 5.75 0.60
C GLY B 527 -9.55 4.30 0.25
N ILE B 528 -10.61 4.09 -0.54
CA ILE B 528 -11.01 2.75 -0.93
C ILE B 528 -10.75 2.52 -2.42
N PRO B 529 -10.74 1.24 -2.84
CA PRO B 529 -10.62 0.90 -4.26
C PRO B 529 -11.67 1.58 -5.13
N VAL B 530 -11.21 2.20 -6.21
CA VAL B 530 -12.08 2.84 -7.19
C VAL B 530 -11.86 2.20 -8.55
N TYR B 531 -12.95 1.82 -9.21
CA TYR B 531 -12.88 1.31 -10.58
C TYR B 531 -13.43 2.34 -11.54
N VAL B 532 -12.83 2.44 -12.71
CA VAL B 532 -13.35 3.28 -13.77
C VAL B 532 -14.55 2.61 -14.42
N ASP B 533 -15.66 3.34 -14.48
CA ASP B 533 -16.86 2.91 -15.19
C ASP B 533 -16.84 3.55 -16.57
N VAL B 534 -16.37 2.80 -17.58
CA VAL B 534 -16.07 3.42 -18.87
C VAL B 534 -17.31 3.97 -19.57
N ASP B 535 -18.41 3.23 -19.51
CA ASP B 535 -19.65 3.63 -20.18
C ASP B 535 -20.62 4.33 -19.24
N GLY B 536 -20.21 4.53 -17.99
CA GLY B 536 -21.10 5.10 -17.00
C GLY B 536 -21.30 6.60 -17.11
N LYS B 537 -22.40 7.07 -16.51
CA LYS B 537 -22.70 8.49 -16.42
C LYS B 537 -23.05 8.88 -14.98
N SER B 538 -22.72 10.10 -14.60
CA SER B 538 -23.07 10.61 -13.28
C SER B 538 -24.51 11.11 -13.25
#